data_6G0B
#
_entry.id   6G0B
#
_cell.length_a   59.721
_cell.length_b   80.522
_cell.length_c   87.986
_cell.angle_alpha   90.00
_cell.angle_beta   90.00
_cell.angle_gamma   90.00
#
_symmetry.space_group_name_H-M   'P 21 21 21'
#
loop_
_entity.id
_entity.type
_entity.pdbx_description
1 polymer 'Glycoside hydrolase family 8 domain protein'
2 branched beta-D-xylopyranose-(1-4)-beta-D-xylopyranose-(1-4)-beta-D-xylopyranose
3 water water
#
_entity_poly.entity_id   1
_entity_poly.type   'polypeptide(L)'
_entity_poly.pdbx_seq_one_letter_code
;GPAAGAVATGEYRNLFAEIGKSEIDIQRKIDEAFQHLFYGDAKDAAVYYQAGGNENGPLAYVYDVNSNDVRSEGMSYGMM
ITVQMDKKAEFDAIWNWAKTYMYQDSPTHPAFGYFAWSMRRDGVANDDMPAPDGEEYFVTALYFAAARWGNGEGIFNYQQ
EADTILSRMRHRQVITGPTNRGVMTATNLFHPEEAQVRFTPDINNADHTDASYHLPSFYEIWARVAPQEDRAFWAKAADV
SRDYFAKAAHPVTALTPDYGNFDGTPWAASWRPESVDFRYDAWRSVMNWSMDYAWWGKDSGAPARSDKLLAFFETQEGKM
NHLYSLDGKPLGGGPTLGLISMNATAAMAATDPRWHNFVEKLWQQQPPTGQYRYYDGVLYLMALLHCAGEYKAWIPDGE
;
_entity_poly.pdbx_strand_id   A
#
loop_
_chem_comp.id
_chem_comp.type
_chem_comp.name
_chem_comp.formula
XYP D-saccharide, beta linking beta-D-xylopyranose 'C5 H10 O5'
#
# COMPACT_ATOMS: atom_id res chain seq x y z
N GLY A 5 -18.67 11.66 2.52
CA GLY A 5 -17.22 11.31 2.34
C GLY A 5 -16.54 12.30 1.44
N ALA A 6 -15.21 12.26 1.43
CA ALA A 6 -14.44 13.24 0.70
C ALA A 6 -14.63 13.14 -0.79
N VAL A 7 -14.89 11.94 -1.30
CA VAL A 7 -15.04 11.82 -2.74
C VAL A 7 -16.31 12.53 -3.21
N ALA A 8 -17.41 12.33 -2.47
CA ALA A 8 -18.70 12.95 -2.77
C ALA A 8 -18.60 14.47 -2.74
N THR A 9 -17.95 15.01 -1.72
CA THR A 9 -17.83 16.45 -1.54
C THR A 9 -16.66 17.08 -2.31
N GLY A 10 -15.62 16.31 -2.63
CA GLY A 10 -14.36 16.86 -3.12
C GLY A 10 -13.54 17.58 -2.05
N GLU A 11 -13.98 17.59 -0.79
CA GLU A 11 -13.24 18.26 0.27
C GLU A 11 -12.53 17.18 1.09
N TYR A 12 -11.20 17.11 0.98
CA TYR A 12 -10.40 16.21 1.79
C TYR A 12 -9.89 16.92 3.04
N ARG A 13 -10.01 16.28 4.17
CA ARG A 13 -9.59 16.91 5.40
C ARG A 13 -8.07 17.12 5.45
N ASN A 14 -7.67 18.33 5.84
CA ASN A 14 -6.30 18.68 6.03
C ASN A 14 -6.11 18.63 7.54
N LEU A 15 -5.71 17.46 8.04
CA LEU A 15 -5.59 17.23 9.47
C LEU A 15 -4.51 18.10 10.09
N PHE A 16 -3.45 18.41 9.35
CA PHE A 16 -2.45 19.31 9.91
C PHE A 16 -3.00 20.74 10.11
N ALA A 17 -3.75 21.22 9.13
CA ALA A 17 -4.47 22.49 9.25
C ALA A 17 -5.40 22.44 10.46
N GLU A 18 -6.09 21.31 10.68
CA GLU A 18 -7.01 21.20 11.83
C GLU A 18 -6.30 21.29 13.15
N ILE A 19 -5.01 20.94 13.22
CA ILE A 19 -4.26 21.08 14.48
C ILE A 19 -3.40 22.34 14.51
N GLY A 20 -3.67 23.29 13.61
CA GLY A 20 -3.07 24.61 13.66
C GLY A 20 -1.95 24.93 12.69
N LYS A 21 -1.59 24.04 11.77
CA LYS A 21 -0.38 24.30 10.94
C LYS A 21 -0.74 25.18 9.74
N SER A 22 0.15 26.08 9.32
CA SER A 22 -0.11 26.91 8.15
C SER A 22 0.04 26.11 6.84
N GLU A 23 -0.68 26.52 5.78
CA GLU A 23 -0.52 25.92 4.45
C GLU A 23 0.94 25.96 3.99
N ILE A 24 1.61 27.09 4.19
CA ILE A 24 3.00 27.22 3.73
C ILE A 24 3.88 26.17 4.43
N ASP A 25 3.69 25.99 5.74
CA ASP A 25 4.51 25.02 6.45
C ASP A 25 4.21 23.57 6.04
N ILE A 26 2.95 23.29 5.74
CA ILE A 26 2.53 21.96 5.35
C ILE A 26 3.17 21.66 4.00
N GLN A 27 3.10 22.63 3.09
CA GLN A 27 3.77 22.49 1.80
C GLN A 27 5.29 22.27 1.96
N ARG A 28 5.92 23.05 2.83
CA ARG A 28 7.36 22.85 3.12
C ARG A 28 7.68 21.43 3.58
N LYS A 29 6.89 20.94 4.52
CA LYS A 29 7.08 19.60 5.06
C LYS A 29 6.98 18.51 4.00
N ILE A 30 5.97 18.60 3.13
CA ILE A 30 5.79 17.60 2.06
C ILE A 30 6.94 17.72 1.06
N ASP A 31 7.23 18.94 0.65
CA ASP A 31 8.34 19.17 -0.29
C ASP A 31 9.68 18.70 0.24
N GLU A 32 9.94 18.93 1.53
CA GLU A 32 11.17 18.39 2.19
C GLU A 32 11.22 16.85 2.10
N ALA A 33 10.10 16.23 2.45
CA ALA A 33 10.04 14.78 2.46
C ALA A 33 10.33 14.23 1.05
N PHE A 34 9.69 14.83 0.06
CA PHE A 34 9.86 14.39 -1.32
C PHE A 34 11.30 14.60 -1.79
N GLN A 35 11.86 15.77 -1.49
CA GLN A 35 13.23 16.04 -1.91
C GLN A 35 14.25 15.11 -1.30
N HIS A 36 14.07 14.81 -0.03
CA HIS A 36 14.98 13.87 0.64
C HIS A 36 14.86 12.49 0.07
N LEU A 37 13.65 11.98 -0.05
CA LEU A 37 13.45 10.58 -0.48
C LEU A 37 13.68 10.33 -1.96
N PHE A 38 13.41 11.31 -2.79
CA PHE A 38 13.60 11.14 -4.21
C PHE A 38 14.95 11.68 -4.69
N TYR A 39 15.46 12.73 -4.02
CA TYR A 39 16.67 13.37 -4.52
C TYR A 39 17.74 13.64 -3.49
N GLY A 40 17.64 12.98 -2.36
CA GLY A 40 18.59 13.20 -1.30
C GLY A 40 19.86 12.43 -1.53
N ASP A 41 20.73 12.44 -0.53
CA ASP A 41 22.00 11.74 -0.64
C ASP A 41 21.80 10.27 -1.08
N ALA A 42 22.55 9.82 -2.08
CA ALA A 42 22.37 8.44 -2.59
C ALA A 42 22.69 7.33 -1.59
N LYS A 43 23.51 7.62 -0.57
CA LYS A 43 23.93 6.57 0.34
C LYS A 43 23.16 6.65 1.66
N ASP A 44 22.48 7.75 1.94
CA ASP A 44 21.89 7.96 3.28
C ASP A 44 20.42 8.34 3.33
N ALA A 45 19.88 8.93 2.25
CA ALA A 45 18.56 9.55 2.29
C ALA A 45 17.60 9.10 1.20
N ALA A 46 18.11 8.93 -0.02
CA ALA A 46 17.26 8.63 -1.17
C ALA A 46 16.77 7.21 -1.16
N VAL A 47 15.56 7.04 -1.68
CA VAL A 47 15.08 5.73 -2.07
C VAL A 47 14.79 5.62 -3.57
N TYR A 48 14.91 6.72 -4.30
CA TYR A 48 14.62 6.73 -5.70
C TYR A 48 15.94 6.83 -6.44
N TYR A 49 16.09 5.98 -7.44
CA TYR A 49 17.38 5.87 -8.18
C TYR A 49 17.11 5.84 -9.67
N GLN A 50 17.77 6.73 -10.41
CA GLN A 50 17.66 6.76 -11.86
C GLN A 50 18.56 5.65 -12.39
N ALA A 51 18.07 4.92 -13.40
CA ALA A 51 18.63 3.66 -13.79
C ALA A 51 18.68 3.62 -15.32
N GLY A 52 19.11 4.71 -15.90
CA GLY A 52 19.27 4.83 -17.36
C GLY A 52 17.93 4.94 -18.08
N GLY A 53 17.81 4.24 -19.20
CA GLY A 53 16.60 4.39 -20.05
C GLY A 53 16.55 3.34 -21.14
N ASN A 54 15.39 3.24 -21.76
CA ASN A 54 15.21 2.29 -22.81
C ASN A 54 14.28 2.91 -23.85
N GLU A 55 13.64 2.07 -24.66
CA GLU A 55 12.77 2.56 -25.70
C GLU A 55 11.59 3.41 -25.22
N ASN A 56 11.19 3.27 -23.97
CA ASN A 56 10.09 4.01 -23.37
C ASN A 56 10.57 5.25 -22.67
N GLY A 57 11.88 5.50 -22.73
CA GLY A 57 12.46 6.63 -22.05
C GLY A 57 13.12 6.25 -20.73
N PRO A 58 13.19 7.23 -19.80
CA PRO A 58 13.89 7.02 -18.54
C PRO A 58 13.35 5.84 -17.72
N LEU A 59 14.28 5.23 -16.99
CA LEU A 59 14.00 4.17 -16.03
C LEU A 59 14.42 4.64 -14.63
N ALA A 60 13.66 4.25 -13.61
CA ALA A 60 14.05 4.51 -12.22
C ALA A 60 13.40 3.48 -11.34
N TYR A 61 14.01 3.22 -10.18
CA TYR A 61 13.44 2.26 -9.24
C TYR A 61 13.43 2.84 -7.82
N VAL A 62 12.55 2.27 -6.99
CA VAL A 62 12.45 2.61 -5.60
C VAL A 62 13.18 1.50 -4.85
N TYR A 63 14.15 1.89 -4.05
CA TYR A 63 15.07 0.91 -3.47
C TYR A 63 14.65 0.54 -2.04
N ASP A 64 14.35 -0.73 -1.82
CA ASP A 64 14.15 -1.25 -0.48
C ASP A 64 15.51 -1.46 0.18
N VAL A 65 16.06 -0.35 0.68
CA VAL A 65 17.31 -0.33 1.43
C VAL A 65 17.31 -1.34 2.60
N ASN A 66 16.15 -1.45 3.27
CA ASN A 66 15.96 -2.27 4.50
C ASN A 66 16.43 -3.70 4.26
N SER A 67 16.04 -4.24 3.10
CA SER A 67 16.35 -5.60 2.70
C SER A 67 17.19 -5.73 1.43
N ASN A 68 17.85 -4.66 0.99
CA ASN A 68 18.72 -4.72 -0.21
C ASN A 68 18.06 -5.38 -1.42
N ASP A 69 16.89 -4.86 -1.80
CA ASP A 69 16.24 -5.29 -3.04
C ASP A 69 15.30 -4.17 -3.53
N VAL A 70 14.56 -4.48 -4.59
CA VAL A 70 13.55 -3.58 -5.16
C VAL A 70 12.28 -4.37 -5.11
N ARG A 71 11.29 -3.83 -4.43
CA ARG A 71 10.05 -4.58 -4.25
C ARG A 71 8.92 -3.97 -5.03
N SER A 72 7.98 -4.81 -5.45
CA SER A 72 6.77 -4.31 -6.16
C SER A 72 5.97 -3.37 -5.26
N GLU A 73 5.97 -3.66 -3.96
CA GLU A 73 5.38 -2.72 -2.97
C GLU A 73 5.92 -1.29 -3.12
N GLY A 74 7.25 -1.17 -3.12
CA GLY A 74 7.93 0.12 -3.22
C GLY A 74 7.73 0.84 -4.53
N MET A 75 7.74 0.07 -5.61
CA MET A 75 7.51 0.60 -6.93
C MET A 75 6.09 1.13 -7.01
N SER A 76 5.13 0.36 -6.50
CA SER A 76 3.72 0.78 -6.54
C SER A 76 3.44 1.96 -5.60
N TYR A 77 4.06 1.97 -4.42
CA TYR A 77 4.01 3.13 -3.57
C TYR A 77 4.62 4.36 -4.21
N GLY A 78 5.77 4.18 -4.85
CA GLY A 78 6.38 5.28 -5.60
C GLY A 78 5.47 5.85 -6.66
N MET A 79 4.75 4.99 -7.37
CA MET A 79 3.77 5.47 -8.34
C MET A 79 2.60 6.20 -7.67
N MET A 80 2.12 5.70 -6.54
CA MET A 80 1.04 6.38 -5.87
C MET A 80 1.49 7.76 -5.37
N ILE A 81 2.66 7.82 -4.74
CA ILE A 81 3.14 9.08 -4.18
C ILE A 81 3.30 10.09 -5.32
N THR A 82 3.85 9.64 -6.44
CA THR A 82 4.17 10.56 -7.52
C THR A 82 2.93 11.06 -8.24
N VAL A 83 1.94 10.20 -8.44
CA VAL A 83 0.68 10.67 -9.01
C VAL A 83 -0.05 11.62 -8.05
N GLN A 84 -0.06 11.31 -6.77
CA GLN A 84 -0.64 12.23 -5.80
C GLN A 84 0.02 13.58 -5.80
N MET A 85 1.35 13.61 -6.00
CA MET A 85 2.12 14.84 -5.99
C MET A 85 2.30 15.49 -7.35
N ASP A 86 1.68 14.93 -8.39
CA ASP A 86 1.70 15.47 -9.76
C ASP A 86 3.11 15.42 -10.38
N LYS A 87 3.85 14.35 -10.06
CA LYS A 87 5.24 14.18 -10.49
C LYS A 87 5.28 13.14 -11.59
N LYS A 88 4.81 13.53 -12.76
CA LYS A 88 4.66 12.63 -13.88
C LYS A 88 5.97 12.03 -14.37
N ALA A 89 7.04 12.80 -14.40
CA ALA A 89 8.36 12.28 -14.89
C ALA A 89 8.82 11.07 -14.07
N GLU A 90 8.69 11.20 -12.74
CA GLU A 90 9.16 10.17 -11.83
C GLU A 90 8.23 8.94 -11.91
N PHE A 91 6.92 9.20 -11.94
CA PHE A 91 5.91 8.16 -12.16
C PHE A 91 6.24 7.31 -13.37
N ASP A 92 6.49 7.95 -14.52
CA ASP A 92 6.73 7.26 -15.76
C ASP A 92 8.00 6.45 -15.73
N ALA A 93 9.02 6.94 -15.04
CA ALA A 93 10.29 6.22 -14.99
C ALA A 93 10.15 4.96 -14.14
N ILE A 94 9.44 5.08 -13.02
CA ILE A 94 9.18 3.92 -12.12
C ILE A 94 8.34 2.87 -12.81
N TRP A 95 7.25 3.31 -13.43
CA TRP A 95 6.38 2.41 -14.18
C TRP A 95 7.13 1.72 -15.32
N ASN A 96 7.93 2.47 -16.07
CA ASN A 96 8.73 1.85 -17.11
C ASN A 96 9.59 0.75 -16.53
N TRP A 97 10.22 1.01 -15.37
CA TRP A 97 11.08 -0.02 -14.78
C TRP A 97 10.24 -1.25 -14.39
N ALA A 98 9.10 -1.05 -13.75
CA ALA A 98 8.28 -2.18 -13.33
C ALA A 98 7.80 -2.98 -14.54
N LYS A 99 7.36 -2.29 -15.56
CA LYS A 99 6.78 -2.94 -16.73
C LYS A 99 7.91 -3.64 -17.50
N THR A 100 9.11 -3.04 -17.53
CA THR A 100 10.26 -3.61 -18.21
C THR A 100 10.82 -4.82 -17.50
N TYR A 101 11.00 -4.73 -16.21
CA TYR A 101 11.75 -5.78 -15.46
C TYR A 101 10.93 -6.72 -14.61
N MET A 102 9.84 -6.22 -14.02
CA MET A 102 9.03 -7.00 -13.08
C MET A 102 7.87 -7.77 -13.74
N TYR A 103 7.23 -7.14 -14.71
CA TYR A 103 6.02 -7.69 -15.35
C TYR A 103 6.29 -8.99 -16.07
N GLN A 104 5.48 -9.99 -15.80
CA GLN A 104 5.62 -11.31 -16.44
C GLN A 104 4.69 -11.38 -17.64
N ASP A 105 5.27 -11.45 -18.83
CA ASP A 105 4.49 -11.37 -20.09
C ASP A 105 4.32 -12.76 -20.75
N SER A 106 4.97 -13.79 -20.22
CA SER A 106 4.91 -15.14 -20.84
C SER A 106 3.68 -15.90 -20.38
N PRO A 107 2.76 -16.25 -21.32
CA PRO A 107 1.55 -16.96 -20.94
C PRO A 107 1.74 -18.38 -20.40
N THR A 108 2.93 -18.97 -20.54
CA THR A 108 3.20 -20.32 -19.98
C THR A 108 3.93 -20.23 -18.63
N HIS A 109 4.23 -19.02 -18.18
CA HIS A 109 4.82 -18.79 -16.83
C HIS A 109 3.68 -18.66 -15.81
N PRO A 110 3.82 -19.28 -14.63
CA PRO A 110 2.73 -19.20 -13.64
C PRO A 110 2.38 -17.82 -13.08
N ALA A 111 3.29 -16.87 -13.21
CA ALA A 111 3.07 -15.48 -12.81
C ALA A 111 2.58 -14.59 -13.97
N PHE A 112 2.20 -15.19 -15.11
CA PHE A 112 1.66 -14.43 -16.24
C PHE A 112 0.65 -13.36 -15.82
N GLY A 113 0.93 -12.12 -16.21
CA GLY A 113 0.06 -11.02 -15.87
C GLY A 113 0.46 -10.27 -14.63
N TYR A 114 1.38 -10.80 -13.84
CA TYR A 114 1.72 -10.23 -12.54
C TYR A 114 3.12 -9.64 -12.53
N PHE A 115 3.51 -9.09 -11.39
CA PHE A 115 4.77 -8.42 -11.23
C PHE A 115 5.57 -9.14 -10.16
N ALA A 116 6.78 -9.56 -10.52
CA ALA A 116 7.71 -10.20 -9.59
C ALA A 116 7.94 -9.30 -8.40
N TRP A 117 7.72 -9.84 -7.21
CA TRP A 117 7.69 -8.99 -6.01
C TRP A 117 9.04 -8.49 -5.49
N SER A 118 10.11 -9.27 -5.71
CA SER A 118 11.45 -8.94 -5.24
C SER A 118 12.43 -9.10 -6.39
N MET A 119 13.11 -8.00 -6.68
CA MET A 119 14.05 -7.87 -7.75
C MET A 119 15.36 -7.33 -7.22
N ARG A 120 16.44 -7.65 -7.94
CA ARG A 120 17.72 -6.99 -7.75
C ARG A 120 17.71 -5.69 -8.55
N ARG A 121 18.58 -4.76 -8.13
CA ARG A 121 18.68 -3.46 -8.77
C ARG A 121 19.08 -3.52 -10.23
N ASP A 122 19.71 -4.61 -10.67
CA ASP A 122 20.03 -4.78 -12.09
C ASP A 122 18.90 -5.39 -12.92
N GLY A 123 17.72 -5.61 -12.34
CA GLY A 123 16.58 -6.11 -13.10
C GLY A 123 16.36 -7.61 -13.06
N VAL A 124 17.22 -8.34 -12.36
CA VAL A 124 17.15 -9.80 -12.23
C VAL A 124 16.21 -10.12 -11.06
N ALA A 125 15.30 -11.06 -11.26
CA ALA A 125 14.30 -11.38 -10.23
C ALA A 125 14.89 -12.24 -9.12
N ASN A 126 14.53 -11.94 -7.88
CA ASN A 126 14.77 -12.85 -6.76
C ASN A 126 13.63 -13.89 -6.69
N ASP A 127 12.40 -13.46 -6.91
CA ASP A 127 11.22 -14.31 -6.84
C ASP A 127 10.27 -13.83 -7.92
N ASP A 128 9.96 -14.71 -8.87
CA ASP A 128 9.07 -14.39 -9.99
C ASP A 128 7.61 -14.17 -9.55
N MET A 129 7.20 -14.75 -8.42
CA MET A 129 5.82 -14.62 -7.94
C MET A 129 5.53 -13.19 -7.48
N PRO A 130 4.26 -12.79 -7.52
CA PRO A 130 3.88 -11.45 -7.09
C PRO A 130 3.53 -11.35 -5.64
N ALA A 131 3.55 -10.11 -5.15
CA ALA A 131 2.97 -9.77 -3.84
C ALA A 131 1.73 -8.93 -4.17
N PRO A 132 0.53 -9.46 -3.92
CA PRO A 132 -0.67 -8.82 -4.50
C PRO A 132 -0.96 -7.39 -4.07
N ASP A 133 -0.46 -6.96 -2.92
CA ASP A 133 -0.60 -5.54 -2.57
C ASP A 133 0.09 -4.59 -3.58
N GLY A 134 1.22 -5.04 -4.15
CA GLY A 134 1.87 -4.35 -5.26
C GLY A 134 0.88 -4.09 -6.38
N GLU A 135 0.32 -5.17 -6.92
CA GLU A 135 -0.68 -5.07 -7.96
C GLU A 135 -1.84 -4.15 -7.63
N GLU A 136 -2.36 -4.23 -6.41
CA GLU A 136 -3.45 -3.36 -5.96
C GLU A 136 -3.11 -1.85 -6.09
N TYR A 137 -1.94 -1.49 -5.61
CA TYR A 137 -1.46 -0.11 -5.75
C TYR A 137 -1.08 0.27 -7.18
N PHE A 138 -0.52 -0.65 -7.96
CA PHE A 138 -0.19 -0.34 -9.38
C PHE A 138 -1.43 0.01 -10.16
N VAL A 139 -2.45 -0.84 -10.05
CA VAL A 139 -3.70 -0.61 -10.77
C VAL A 139 -4.31 0.75 -10.42
N THR A 140 -4.40 1.00 -9.11
CA THR A 140 -5.04 2.21 -8.63
C THR A 140 -4.25 3.48 -9.04
N ALA A 141 -2.93 3.42 -8.88
CA ALA A 141 -2.06 4.52 -9.30
C ALA A 141 -2.16 4.77 -10.80
N LEU A 142 -2.25 3.71 -11.60
CA LEU A 142 -2.49 3.84 -13.02
C LEU A 142 -3.81 4.50 -13.39
N TYR A 143 -4.88 4.13 -12.70
CA TYR A 143 -6.16 4.82 -12.94
C TYR A 143 -6.05 6.30 -12.53
N PHE A 144 -5.32 6.59 -11.46
CA PHE A 144 -5.17 7.96 -11.02
C PHE A 144 -4.36 8.75 -12.03
N ALA A 145 -3.31 8.14 -12.58
CA ALA A 145 -2.55 8.75 -13.66
C ALA A 145 -3.41 9.11 -14.87
N ALA A 146 -4.27 8.19 -15.26
CA ALA A 146 -5.16 8.42 -16.40
C ALA A 146 -6.06 9.65 -16.07
N ALA A 147 -6.59 9.69 -14.86
CA ALA A 147 -7.41 10.85 -14.45
C ALA A 147 -6.65 12.15 -14.46
N ARG A 148 -5.40 12.15 -13.97
CA ARG A 148 -4.69 13.43 -13.80
C ARG A 148 -4.03 13.90 -15.08
N TRP A 149 -3.47 12.98 -15.84
CA TRP A 149 -2.60 13.35 -16.94
C TRP A 149 -3.16 12.96 -18.29
N GLY A 150 -4.25 12.18 -18.30
CA GLY A 150 -4.73 11.56 -19.50
C GLY A 150 -3.85 10.40 -19.91
N ASN A 151 -4.38 9.61 -20.82
CA ASN A 151 -3.72 8.43 -21.32
C ASN A 151 -2.77 8.73 -22.46
N GLY A 152 -1.59 8.16 -22.37
CA GLY A 152 -0.67 8.06 -23.52
C GLY A 152 -0.95 6.78 -24.26
N GLU A 153 0.08 6.26 -24.91
CA GLU A 153 0.00 5.05 -25.71
C GLU A 153 1.00 4.01 -25.22
N GLY A 154 0.74 2.78 -25.63
CA GLY A 154 1.58 1.66 -25.23
C GLY A 154 1.59 1.51 -23.74
N ILE A 155 2.78 1.40 -23.15
CA ILE A 155 2.83 1.29 -21.68
C ILE A 155 2.28 2.49 -20.96
N PHE A 156 2.25 3.65 -21.63
CA PHE A 156 1.74 4.88 -21.04
C PHE A 156 0.23 5.08 -21.25
N ASN A 157 -0.43 4.08 -21.83
CA ASN A 157 -1.90 4.04 -21.82
C ASN A 157 -2.32 3.51 -20.45
N TYR A 158 -2.28 4.42 -19.48
CA TYR A 158 -2.36 4.05 -18.04
C TYR A 158 -3.63 3.28 -17.76
N GLN A 159 -4.74 3.78 -18.33
CA GLN A 159 -6.05 3.19 -18.09
C GLN A 159 -6.19 1.80 -18.75
N GLN A 160 -5.67 1.64 -19.96
CA GLN A 160 -5.65 0.33 -20.61
C GLN A 160 -4.79 -0.69 -19.86
N GLU A 161 -3.62 -0.25 -19.37
CA GLU A 161 -2.77 -1.12 -18.56
C GLU A 161 -3.49 -1.53 -17.27
N ALA A 162 -4.05 -0.56 -16.58
CA ALA A 162 -4.85 -0.84 -15.37
C ALA A 162 -5.98 -1.85 -15.60
N ASP A 163 -6.80 -1.63 -16.64
CA ASP A 163 -7.90 -2.51 -17.01
C ASP A 163 -7.41 -3.94 -17.22
N THR A 164 -6.30 -4.11 -17.94
CA THR A 164 -5.78 -5.42 -18.30
C THR A 164 -5.29 -6.16 -17.08
N ILE A 165 -4.54 -5.47 -16.23
CA ILE A 165 -3.96 -6.07 -15.05
C ILE A 165 -5.08 -6.47 -14.09
N LEU A 166 -6.06 -5.59 -13.91
CA LEU A 166 -7.11 -5.85 -12.97
C LEU A 166 -8.04 -6.97 -13.40
N SER A 167 -8.38 -6.99 -14.67
CA SER A 167 -9.09 -8.12 -15.28
C SER A 167 -8.36 -9.42 -15.02
N ARG A 168 -7.04 -9.46 -15.27
CA ARG A 168 -6.24 -10.66 -15.00
C ARG A 168 -6.17 -11.06 -13.55
N MET A 169 -6.16 -10.08 -12.66
CA MET A 169 -6.17 -10.35 -11.24
C MET A 169 -7.36 -11.17 -10.85
N ARG A 170 -8.50 -10.86 -11.46
CA ARG A 170 -9.70 -11.64 -11.21
C ARG A 170 -9.75 -12.97 -11.98
N HIS A 171 -9.49 -12.90 -13.27
CA HIS A 171 -9.80 -14.01 -14.21
C HIS A 171 -8.64 -14.93 -14.52
N ARG A 172 -7.43 -14.70 -14.01
CA ARG A 172 -6.30 -15.58 -14.34
C ARG A 172 -6.63 -17.03 -14.02
N GLN A 173 -6.27 -17.92 -14.92
CA GLN A 173 -6.51 -19.35 -14.71
C GLN A 173 -5.29 -19.92 -14.04
N VAL A 174 -5.40 -21.16 -13.60
CA VAL A 174 -4.26 -21.87 -13.01
C VAL A 174 -3.25 -22.21 -14.07
N ILE A 175 -1.98 -21.91 -13.77
CA ILE A 175 -0.85 -22.19 -14.69
C ILE A 175 0.27 -22.86 -13.91
N THR A 176 0.77 -23.95 -14.47
CA THR A 176 1.92 -24.65 -13.94
C THR A 176 3.01 -24.48 -14.99
N GLY A 177 4.19 -24.06 -14.55
CA GLY A 177 5.26 -23.74 -15.46
C GLY A 177 6.55 -23.39 -14.77
N PRO A 178 7.65 -23.33 -15.54
CA PRO A 178 8.98 -23.03 -14.98
C PRO A 178 9.08 -21.57 -14.49
N THR A 179 9.85 -21.39 -13.42
CA THR A 179 10.19 -20.09 -12.90
C THR A 179 11.65 -20.09 -12.52
N ASN A 180 12.15 -18.93 -12.09
CA ASN A 180 13.47 -18.85 -11.45
C ASN A 180 13.63 -19.72 -10.23
N ARG A 181 12.53 -20.13 -9.59
CA ARG A 181 12.57 -21.00 -8.42
C ARG A 181 12.30 -22.48 -8.73
N GLY A 182 12.13 -22.86 -9.99
CA GLY A 182 11.71 -24.22 -10.33
C GLY A 182 10.27 -24.19 -10.80
N VAL A 183 9.71 -25.36 -11.06
CA VAL A 183 8.35 -25.42 -11.55
C VAL A 183 7.41 -24.98 -10.43
N MET A 184 6.47 -24.11 -10.74
CA MET A 184 5.47 -23.65 -9.80
C MET A 184 4.08 -23.57 -10.44
N THR A 185 3.08 -23.52 -9.58
CA THR A 185 1.71 -23.43 -9.98
C THR A 185 1.08 -22.25 -9.25
N ALA A 186 0.42 -21.39 -10.01
CA ALA A 186 -0.26 -20.24 -9.43
C ALA A 186 -1.60 -19.99 -10.09
N THR A 187 -2.47 -19.33 -9.32
CA THR A 187 -3.84 -19.06 -9.71
C THR A 187 -4.06 -17.53 -9.82
N ASN A 188 -5.31 -17.08 -9.65
CA ASN A 188 -5.70 -15.67 -9.65
C ASN A 188 -5.23 -14.98 -8.37
N LEU A 189 -5.42 -13.66 -8.28
CA LEU A 189 -4.96 -12.93 -7.09
C LEU A 189 -6.06 -12.59 -6.11
N PHE A 190 -7.32 -12.73 -6.52
CA PHE A 190 -8.47 -12.62 -5.63
C PHE A 190 -9.21 -13.95 -5.65
N HIS A 191 -9.60 -14.40 -4.47
CA HIS A 191 -10.42 -15.60 -4.32
C HIS A 191 -11.82 -15.32 -4.88
N PRO A 192 -12.28 -16.16 -5.82
CA PRO A 192 -13.54 -15.85 -6.50
C PRO A 192 -14.80 -15.88 -5.65
N GLU A 193 -14.86 -16.72 -4.63
CA GLU A 193 -16.03 -16.87 -3.76
C GLU A 193 -15.95 -15.91 -2.55
N GLU A 194 -14.78 -15.86 -1.92
CA GLU A 194 -14.53 -14.95 -0.82
C GLU A 194 -14.51 -13.45 -1.23
N ALA A 195 -14.17 -13.19 -2.50
CA ALA A 195 -13.90 -11.83 -3.03
C ALA A 195 -12.92 -11.08 -2.14
N GLN A 196 -11.81 -11.76 -1.87
CA GLN A 196 -10.73 -11.24 -1.04
C GLN A 196 -9.43 -11.48 -1.77
N VAL A 197 -8.55 -10.50 -1.61
CA VAL A 197 -7.21 -10.60 -2.13
C VAL A 197 -6.43 -11.70 -1.46
N ARG A 198 -5.60 -12.38 -2.22
CA ARG A 198 -4.80 -13.46 -1.64
C ARG A 198 -3.47 -12.94 -1.13
N PHE A 199 -2.90 -13.64 -0.16
CA PHE A 199 -1.49 -13.40 0.22
C PHE A 199 -0.54 -13.78 -0.94
N THR A 200 -0.82 -14.87 -1.66
CA THR A 200 0.00 -15.31 -2.79
C THR A 200 -0.87 -16.08 -3.74
N PRO A 201 -0.61 -16.00 -5.04
CA PRO A 201 -1.33 -16.91 -5.95
C PRO A 201 -0.68 -18.28 -6.05
N ASP A 202 0.48 -18.46 -5.41
CA ASP A 202 1.14 -19.76 -5.33
C ASP A 202 0.14 -20.74 -4.69
N ILE A 203 -0.12 -21.84 -5.41
CA ILE A 203 -1.18 -22.76 -5.03
C ILE A 203 -0.90 -23.38 -3.68
N ASN A 204 0.38 -23.54 -3.35
CA ASN A 204 0.74 -24.06 -2.02
C ASN A 204 0.26 -23.25 -0.83
N ASN A 205 0.07 -21.93 -0.99
CA ASN A 205 -0.39 -21.09 0.13
C ASN A 205 -1.46 -20.11 -0.29
N ALA A 206 -2.23 -20.45 -1.35
CA ALA A 206 -3.13 -19.49 -1.99
C ALA A 206 -4.36 -19.12 -1.19
N ASP A 207 -4.78 -19.97 -0.26
CA ASP A 207 -6.06 -19.75 0.43
C ASP A 207 -5.86 -19.08 1.79
N HIS A 208 -5.28 -17.87 1.70
CA HIS A 208 -5.01 -17.00 2.83
C HIS A 208 -5.00 -15.56 2.31
N THR A 209 -4.94 -14.62 3.26
CA THR A 209 -4.96 -13.21 2.95
C THR A 209 -4.08 -12.50 3.95
N ASP A 210 -4.22 -11.18 4.00
CA ASP A 210 -3.33 -10.32 4.78
C ASP A 210 -4.16 -9.05 4.93
N ALA A 211 -4.49 -8.67 6.16
CA ALA A 211 -5.41 -7.54 6.41
C ALA A 211 -4.89 -6.24 5.81
N SER A 212 -3.56 -6.05 5.87
CA SER A 212 -2.95 -4.87 5.23
C SER A 212 -3.07 -4.82 3.71
N TYR A 213 -3.41 -5.93 3.06
CA TYR A 213 -3.65 -5.95 1.62
C TYR A 213 -5.10 -5.58 1.28
N HIS A 214 -5.99 -5.51 2.28
CA HIS A 214 -7.38 -5.14 2.05
C HIS A 214 -7.48 -3.63 1.86
N LEU A 215 -7.92 -3.25 0.67
CA LEU A 215 -7.96 -1.85 0.23
C LEU A 215 -9.33 -1.47 -0.31
N PRO A 216 -10.33 -1.50 0.58
CA PRO A 216 -11.67 -1.10 0.10
C PRO A 216 -11.74 0.30 -0.49
N SER A 217 -10.92 1.23 0.00
CA SER A 217 -10.86 2.57 -0.60
C SER A 217 -10.59 2.50 -2.10
N PHE A 218 -9.74 1.56 -2.51
CA PHE A 218 -9.37 1.40 -3.91
C PHE A 218 -10.39 0.54 -4.66
N TYR A 219 -10.92 -0.48 -4.01
CA TYR A 219 -11.93 -1.32 -4.68
C TYR A 219 -13.18 -0.53 -5.15
N GLU A 220 -13.55 0.51 -4.40
CA GLU A 220 -14.60 1.46 -4.78
C GLU A 220 -14.28 2.20 -6.06
N ILE A 221 -12.99 2.50 -6.28
CA ILE A 221 -12.57 3.11 -7.52
C ILE A 221 -12.76 2.12 -8.63
N TRP A 222 -12.30 0.89 -8.41
CA TRP A 222 -12.40 -0.16 -9.44
C TRP A 222 -13.87 -0.45 -9.75
N ALA A 223 -14.74 -0.38 -8.74
CA ALA A 223 -16.16 -0.62 -8.93
C ALA A 223 -16.84 0.38 -9.86
N ARG A 224 -16.21 1.54 -10.03
CA ARG A 224 -16.67 2.61 -10.89
C ARG A 224 -16.01 2.63 -12.24
N VAL A 225 -14.76 2.19 -12.36
CA VAL A 225 -14.07 2.34 -13.66
C VAL A 225 -13.50 1.06 -14.28
N ALA A 226 -13.54 -0.07 -13.58
CA ALA A 226 -13.04 -1.32 -14.16
C ALA A 226 -13.85 -1.72 -15.39
N PRO A 227 -13.34 -2.67 -16.19
CA PRO A 227 -14.19 -3.43 -17.15
C PRO A 227 -15.53 -3.80 -16.51
N GLN A 228 -16.61 -3.44 -17.23
CA GLN A 228 -17.97 -3.46 -16.68
C GLN A 228 -18.30 -4.79 -16.03
N GLU A 229 -17.92 -5.90 -16.66
CA GLU A 229 -18.24 -7.24 -16.15
C GLU A 229 -17.67 -7.57 -14.74
N ASP A 230 -16.67 -6.81 -14.28
CA ASP A 230 -16.06 -7.07 -12.99
C ASP A 230 -16.46 -6.06 -11.95
N ARG A 231 -17.21 -5.04 -12.31
CA ARG A 231 -17.48 -3.97 -11.33
C ARG A 231 -18.23 -4.43 -10.05
N ALA A 232 -19.19 -5.33 -10.20
CA ALA A 232 -19.95 -5.87 -9.04
C ALA A 232 -19.01 -6.67 -8.13
N PHE A 233 -18.08 -7.41 -8.72
CA PHE A 233 -17.09 -8.15 -7.94
C PHE A 233 -16.22 -7.22 -7.06
N TRP A 234 -15.75 -6.12 -7.65
CA TRP A 234 -14.98 -5.14 -6.84
C TRP A 234 -15.83 -4.45 -5.81
N ALA A 235 -17.09 -4.14 -6.13
CA ALA A 235 -18.00 -3.56 -5.10
C ALA A 235 -18.19 -4.53 -3.92
N LYS A 236 -18.26 -5.82 -4.26
CA LYS A 236 -18.41 -6.85 -3.25
C LYS A 236 -17.14 -6.93 -2.37
N ALA A 237 -15.98 -6.86 -3.01
CA ALA A 237 -14.70 -6.94 -2.31
C ALA A 237 -14.61 -5.78 -1.31
N ALA A 238 -15.12 -4.62 -1.70
CA ALA A 238 -15.13 -3.49 -0.77
C ALA A 238 -15.97 -3.78 0.50
N ASP A 239 -17.18 -4.33 0.31
CA ASP A 239 -18.06 -4.70 1.46
C ASP A 239 -17.38 -5.75 2.31
N VAL A 240 -16.78 -6.73 1.64
CA VAL A 240 -16.14 -7.85 2.33
C VAL A 240 -14.96 -7.38 3.18
N SER A 241 -14.16 -6.43 2.67
CA SER A 241 -12.98 -5.95 3.42
C SER A 241 -13.37 -5.19 4.67
N ARG A 242 -14.46 -4.43 4.59
CA ARG A 242 -14.98 -3.70 5.75
C ARG A 242 -15.36 -4.68 6.85
N ASP A 243 -16.06 -5.75 6.45
CA ASP A 243 -16.41 -6.81 7.38
C ASP A 243 -15.14 -7.51 7.85
N TYR A 244 -14.17 -7.67 6.95
CA TYR A 244 -12.92 -8.35 7.29
C TYR A 244 -12.18 -7.66 8.45
N PHE A 245 -12.01 -6.36 8.33
CA PHE A 245 -11.36 -5.57 9.39
C PHE A 245 -12.08 -5.69 10.74
N ALA A 246 -13.41 -5.73 10.72
CA ALA A 246 -14.18 -5.90 11.94
C ALA A 246 -13.87 -7.24 12.61
N LYS A 247 -13.68 -8.31 11.84
CA LYS A 247 -13.34 -9.63 12.35
C LYS A 247 -11.83 -9.81 12.68
N ALA A 248 -10.96 -9.17 11.91
CA ALA A 248 -9.52 -9.43 11.99
C ALA A 248 -8.85 -8.60 13.06
N ALA A 249 -9.39 -7.43 13.35
CA ALA A 249 -8.81 -6.55 14.32
C ALA A 249 -9.20 -6.98 15.73
N HIS A 250 -8.23 -7.04 16.65
CA HIS A 250 -8.52 -7.47 18.01
C HIS A 250 -9.61 -6.57 18.62
N PRO A 251 -10.58 -7.15 19.37
CA PRO A 251 -11.69 -6.31 19.90
C PRO A 251 -11.36 -5.23 20.95
N VAL A 252 -10.26 -5.37 21.65
CA VAL A 252 -9.82 -4.41 22.63
C VAL A 252 -8.86 -3.37 21.99
N THR A 253 -7.84 -3.85 21.29
CA THR A 253 -6.77 -2.99 20.80
C THR A 253 -6.92 -2.51 19.35
N ALA A 254 -7.71 -3.22 18.54
CA ALA A 254 -7.81 -3.02 17.05
C ALA A 254 -6.50 -3.35 16.31
N LEU A 255 -5.59 -4.06 16.95
CA LEU A 255 -4.40 -4.55 16.29
C LEU A 255 -4.79 -5.72 15.42
N THR A 256 -4.23 -5.74 14.21
CA THR A 256 -4.42 -6.85 13.28
C THR A 256 -3.13 -7.65 13.15
N PRO A 257 -3.23 -8.91 12.70
CA PRO A 257 -2.00 -9.66 12.42
C PRO A 257 -1.47 -9.35 11.04
N ASP A 258 -0.19 -9.68 10.83
CA ASP A 258 0.41 -9.55 9.49
C ASP A 258 -0.33 -10.39 8.46
N TYR A 259 -0.56 -11.68 8.78
CA TYR A 259 -1.17 -12.60 7.82
C TYR A 259 -2.42 -13.18 8.43
N GLY A 260 -3.35 -13.60 7.56
CA GLY A 260 -4.68 -14.05 8.00
C GLY A 260 -5.30 -15.10 7.10
N ASN A 261 -6.41 -15.63 7.62
CA ASN A 261 -7.29 -16.53 6.91
C ASN A 261 -8.49 -15.71 6.45
N PHE A 262 -9.20 -16.23 5.47
CA PHE A 262 -10.37 -15.53 4.90
C PHE A 262 -11.47 -15.26 5.91
N ASP A 263 -11.57 -16.11 6.93
CA ASP A 263 -12.55 -15.98 8.00
C ASP A 263 -12.20 -14.92 9.05
N GLY A 264 -11.01 -14.35 8.96
CA GLY A 264 -10.64 -13.25 9.81
C GLY A 264 -9.65 -13.62 10.87
N THR A 265 -9.38 -14.90 11.05
CA THR A 265 -8.46 -15.34 12.09
C THR A 265 -7.00 -15.18 11.62
N PRO A 266 -6.05 -15.03 12.55
CA PRO A 266 -4.62 -14.98 12.17
C PRO A 266 -4.16 -16.28 11.51
N TRP A 267 -3.22 -16.19 10.59
CA TRP A 267 -2.60 -17.34 9.95
C TRP A 267 -1.09 -17.30 10.28
N ALA A 268 -0.60 -18.40 10.85
CA ALA A 268 0.82 -18.60 11.10
C ALA A 268 1.46 -19.26 9.87
N ALA A 269 2.21 -18.51 9.08
CA ALA A 269 2.94 -19.09 7.96
C ALA A 269 4.02 -20.06 8.47
N SER A 270 4.14 -21.22 7.81
CA SER A 270 5.13 -22.23 8.21
C SER A 270 6.57 -21.70 8.25
N TRP A 271 6.90 -20.74 7.37
CA TRP A 271 8.23 -20.20 7.28
C TRP A 271 8.37 -18.92 8.12
N ARG A 272 7.25 -18.43 8.69
CA ARG A 272 7.22 -17.17 9.44
C ARG A 272 6.03 -17.23 10.41
N PRO A 273 6.14 -18.11 11.42
CA PRO A 273 5.00 -18.33 12.31
C PRO A 273 4.60 -17.11 13.17
N GLU A 274 5.51 -16.16 13.30
CA GLU A 274 5.25 -14.90 14.01
C GLU A 274 4.36 -13.94 13.16
N SER A 275 3.91 -14.37 11.98
CA SER A 275 2.91 -13.65 11.21
C SER A 275 1.54 -13.48 11.89
N VAL A 276 1.30 -14.19 12.97
CA VAL A 276 0.06 -14.00 13.76
C VAL A 276 0.02 -12.75 14.63
N ASP A 277 1.16 -12.10 14.76
CA ASP A 277 1.29 -10.89 15.55
C ASP A 277 1.20 -9.62 14.69
N PHE A 278 1.07 -8.49 15.36
CA PHE A 278 1.07 -7.18 14.71
C PHE A 278 2.52 -6.80 14.47
N ARG A 279 2.91 -6.79 13.19
CA ARG A 279 4.28 -6.45 12.84
C ARG A 279 4.26 -5.49 11.63
N TYR A 280 5.28 -5.55 10.76
CA TYR A 280 5.53 -4.52 9.75
C TYR A 280 4.37 -4.38 8.77
N ASP A 281 3.73 -5.48 8.38
CA ASP A 281 2.60 -5.39 7.45
C ASP A 281 1.38 -4.73 8.11
N ALA A 282 1.09 -5.19 9.31
CA ALA A 282 -0.15 -4.85 9.98
C ALA A 282 -0.20 -3.36 10.41
N TRP A 283 0.96 -2.70 10.52
CA TRP A 283 1.00 -1.25 10.79
C TRP A 283 0.05 -0.49 9.84
N ARG A 284 -0.14 -1.00 8.63
CA ARG A 284 -0.84 -0.31 7.56
C ARG A 284 -2.34 -0.49 7.59
N SER A 285 -2.85 -1.51 8.28
CA SER A 285 -4.29 -1.77 8.35
C SER A 285 -5.12 -0.57 8.70
N VAL A 286 -4.74 0.12 9.77
CA VAL A 286 -5.47 1.32 10.18
C VAL A 286 -5.55 2.41 9.07
N MET A 287 -4.49 2.54 8.28
CA MET A 287 -4.49 3.50 7.17
C MET A 287 -5.55 3.06 6.15
N ASN A 288 -5.59 1.77 5.86
CA ASN A 288 -6.50 1.24 4.86
C ASN A 288 -7.97 1.49 5.25
N TRP A 289 -8.35 1.14 6.48
CA TRP A 289 -9.74 1.37 6.87
C TRP A 289 -10.05 2.86 7.08
N SER A 290 -9.06 3.62 7.54
CA SER A 290 -9.32 5.04 7.83
C SER A 290 -9.50 5.82 6.55
N MET A 291 -8.65 5.51 5.56
CA MET A 291 -8.78 6.09 4.22
C MET A 291 -10.12 5.79 3.59
N ASP A 292 -10.51 4.52 3.69
CA ASP A 292 -11.80 4.09 3.19
C ASP A 292 -12.94 4.87 3.83
N TYR A 293 -12.91 5.01 5.15
CA TYR A 293 -13.93 5.80 5.83
C TYR A 293 -13.95 7.27 5.38
N ALA A 294 -12.77 7.87 5.32
CA ALA A 294 -12.67 9.28 4.92
C ALA A 294 -13.19 9.54 3.49
N TRP A 295 -12.89 8.63 2.57
CA TRP A 295 -13.24 8.81 1.20
C TRP A 295 -14.71 8.50 0.92
N TRP A 296 -15.21 7.41 1.51
CA TRP A 296 -16.47 6.81 1.11
C TRP A 296 -17.57 6.83 2.17
N GLY A 297 -17.17 6.86 3.45
CA GLY A 297 -18.12 6.94 4.57
C GLY A 297 -19.01 5.72 4.81
N LYS A 298 -18.59 4.55 4.33
CA LYS A 298 -19.36 3.33 4.37
C LYS A 298 -18.97 2.36 5.49
N ASP A 299 -17.70 2.33 5.89
CA ASP A 299 -17.30 1.44 6.97
C ASP A 299 -17.73 2.01 8.33
N SER A 300 -18.93 1.61 8.78
CA SER A 300 -19.46 2.14 10.02
C SER A 300 -18.63 1.77 11.27
N GLY A 301 -17.81 0.74 11.17
CA GLY A 301 -16.94 0.33 12.24
C GLY A 301 -15.60 1.08 12.30
N ALA A 302 -15.24 1.79 11.23
CA ALA A 302 -13.88 2.40 11.15
C ALA A 302 -13.58 3.42 12.27
N PRO A 303 -14.53 4.32 12.58
CA PRO A 303 -14.21 5.31 13.64
C PRO A 303 -13.91 4.71 15.01
N ALA A 304 -14.75 3.77 15.45
CA ALA A 304 -14.47 3.04 16.69
C ALA A 304 -13.18 2.24 16.63
N ARG A 305 -12.88 1.65 15.48
CA ARG A 305 -11.61 0.89 15.36
C ARG A 305 -10.39 1.81 15.45
N SER A 306 -10.44 2.94 14.75
CA SER A 306 -9.39 3.93 14.89
C SER A 306 -9.27 4.49 16.30
N ASP A 307 -10.40 4.78 16.96
CA ASP A 307 -10.30 5.22 18.38
C ASP A 307 -9.66 4.17 19.27
N LYS A 308 -9.99 2.90 19.05
CA LYS A 308 -9.43 1.85 19.89
C LYS A 308 -7.92 1.71 19.71
N LEU A 309 -7.45 1.77 18.46
CA LEU A 309 -6.03 1.64 18.17
C LEU A 309 -5.23 2.78 18.79
N LEU A 310 -5.73 4.01 18.61
CA LEU A 310 -5.10 5.18 19.21
C LEU A 310 -5.14 5.13 20.74
N ALA A 311 -6.25 4.65 21.32
CA ALA A 311 -6.32 4.50 22.77
C ALA A 311 -5.29 3.51 23.25
N PHE A 312 -5.15 2.43 22.53
CA PHE A 312 -4.12 1.48 22.86
C PHE A 312 -2.70 2.11 22.81
N PHE A 313 -2.36 2.76 21.71
CA PHE A 313 -1.03 3.36 21.63
C PHE A 313 -0.76 4.48 22.64
N GLU A 314 -1.80 5.18 23.07
CA GLU A 314 -1.67 6.13 24.17
C GLU A 314 -1.15 5.42 25.44
N THR A 315 -1.59 4.19 25.71
CA THR A 315 -1.07 3.42 26.85
C THR A 315 0.41 3.04 26.71
N GLN A 316 0.97 3.14 25.51
CA GLN A 316 2.35 2.82 25.26
C GLN A 316 3.27 4.02 25.26
N GLU A 317 2.77 5.21 25.59
CA GLU A 317 3.59 6.43 25.62
C GLU A 317 4.87 6.19 26.43
N GLY A 318 6.02 6.45 25.81
CA GLY A 318 7.30 6.34 26.47
C GLY A 318 7.81 4.92 26.60
N LYS A 319 7.13 3.94 26.02
CA LYS A 319 7.65 2.58 25.99
C LYS A 319 7.14 1.86 24.73
N MET A 320 7.03 2.61 23.64
CA MET A 320 6.41 2.11 22.44
C MET A 320 7.36 1.13 21.80
N ASN A 321 6.82 -0.03 21.44
CA ASN A 321 7.52 -1.02 20.66
C ASN A 321 6.96 -0.89 19.26
N HIS A 322 7.42 -1.73 18.35
CA HIS A 322 6.82 -1.76 17.03
C HIS A 322 6.33 -3.12 16.56
N LEU A 323 6.37 -4.08 17.47
CA LEU A 323 5.89 -5.42 17.28
C LEU A 323 5.02 -5.74 18.50
N TYR A 324 3.80 -6.25 18.29
CA TYR A 324 2.86 -6.52 19.40
C TYR A 324 2.10 -7.80 19.20
N SER A 325 1.71 -8.47 20.29
CA SER A 325 0.72 -9.55 20.14
C SER A 325 -0.62 -8.82 19.95
N LEU A 326 -1.64 -9.52 19.45
CA LEU A 326 -2.89 -8.81 19.13
C LEU A 326 -3.61 -8.27 20.35
N ASP A 327 -3.43 -8.90 21.50
CA ASP A 327 -3.99 -8.35 22.74
C ASP A 327 -3.14 -7.27 23.42
N GLY A 328 -2.06 -6.85 22.78
CA GLY A 328 -1.35 -5.66 23.17
C GLY A 328 -0.07 -5.86 23.97
N LYS A 329 0.50 -7.07 23.99
CA LYS A 329 1.79 -7.28 24.67
C LYS A 329 2.93 -6.88 23.75
N PRO A 330 3.88 -6.08 24.26
CA PRO A 330 4.99 -5.64 23.43
C PRO A 330 5.91 -6.81 23.11
N LEU A 331 6.33 -6.92 21.85
CA LEU A 331 7.15 -8.04 21.40
C LEU A 331 8.53 -7.61 20.88
N GLY A 332 8.83 -6.33 20.96
CA GLY A 332 10.16 -5.84 20.72
C GLY A 332 10.22 -4.63 19.85
N GLY A 333 11.41 -4.06 19.78
CA GLY A 333 11.69 -2.87 19.00
C GLY A 333 11.32 -1.63 19.76
N GLY A 334 11.75 -0.48 19.23
CA GLY A 334 11.35 0.83 19.75
C GLY A 334 10.45 1.53 18.74
N PRO A 335 10.20 2.82 18.98
CA PRO A 335 9.36 3.55 18.04
C PRO A 335 10.00 3.62 16.65
N THR A 336 9.15 3.53 15.62
CA THR A 336 9.60 3.71 14.26
C THR A 336 8.79 4.79 13.61
N LEU A 337 9.43 5.46 12.66
CA LEU A 337 8.77 6.47 11.89
C LEU A 337 7.59 5.90 11.13
N GLY A 338 7.74 4.70 10.56
CA GLY A 338 6.64 4.06 9.84
C GLY A 338 5.37 3.82 10.66
N LEU A 339 5.55 3.38 11.90
CA LEU A 339 4.40 3.13 12.78
C LEU A 339 3.78 4.42 13.28
N ILE A 340 4.60 5.41 13.62
CA ILE A 340 4.12 6.76 13.95
C ILE A 340 3.23 7.31 12.80
N SER A 341 3.71 7.11 11.59
CA SER A 341 3.06 7.65 10.41
C SER A 341 1.72 6.99 10.19
N MET A 342 1.71 5.68 10.25
CA MET A 342 0.47 4.93 10.13
C MET A 342 -0.53 5.23 11.23
N ASN A 343 -0.08 5.32 12.48
CA ASN A 343 -0.97 5.67 13.56
C ASN A 343 -1.58 7.04 13.35
N ALA A 344 -0.84 8.01 12.78
CA ALA A 344 -1.43 9.31 12.49
C ALA A 344 -2.60 9.22 11.49
N THR A 345 -2.49 8.27 10.55
CA THR A 345 -3.51 8.17 9.52
C THR A 345 -4.84 7.71 10.12
N ALA A 346 -4.80 7.10 11.30
CA ALA A 346 -6.04 6.78 12.05
C ALA A 346 -6.94 8.00 12.25
N ALA A 347 -6.35 9.19 12.29
CA ALA A 347 -7.10 10.44 12.39
C ALA A 347 -8.05 10.71 11.23
N MET A 348 -7.86 10.06 10.08
CA MET A 348 -8.87 10.13 9.01
C MET A 348 -10.23 9.58 9.42
N ALA A 349 -10.29 8.72 10.45
CA ALA A 349 -11.58 8.21 10.95
C ALA A 349 -11.85 8.39 12.44
N ALA A 350 -10.82 8.61 13.24
CA ALA A 350 -11.00 8.70 14.68
C ALA A 350 -11.90 9.87 15.10
N THR A 351 -12.60 9.70 16.21
CA THR A 351 -13.46 10.76 16.74
C THR A 351 -12.93 11.34 18.04
N ASP A 352 -12.19 10.55 18.81
CA ASP A 352 -11.65 11.03 20.07
C ASP A 352 -10.48 11.98 19.81
N PRO A 353 -10.49 13.15 20.47
CA PRO A 353 -9.51 14.19 20.16
C PRO A 353 -8.07 13.86 20.52
N ARG A 354 -7.78 12.74 21.19
CA ARG A 354 -6.40 12.24 21.28
C ARG A 354 -5.74 12.08 19.92
N TRP A 355 -6.53 11.96 18.86
CA TRP A 355 -5.93 11.90 17.52
C TRP A 355 -5.03 13.08 17.23
N HIS A 356 -5.33 14.26 17.83
CA HIS A 356 -4.50 15.45 17.62
C HIS A 356 -3.02 15.17 17.92
N ASN A 357 -2.79 14.44 19.00
CA ASN A 357 -1.46 14.10 19.48
C ASN A 357 -0.72 13.21 18.49
N PHE A 358 -1.42 12.30 17.83
CA PHE A 358 -0.76 11.40 16.85
C PHE A 358 -0.35 12.09 15.56
N VAL A 359 -1.25 12.97 15.09
CA VAL A 359 -0.98 13.85 13.95
C VAL A 359 0.16 14.81 14.29
N GLU A 360 0.13 15.38 15.50
CA GLU A 360 1.23 16.24 15.94
C GLU A 360 2.56 15.45 16.01
N LYS A 361 2.51 14.22 16.49
CA LYS A 361 3.71 13.36 16.52
C LYS A 361 4.33 13.14 15.14
N LEU A 362 3.49 12.91 14.12
CA LEU A 362 3.99 12.77 12.75
C LEU A 362 4.58 14.11 12.26
N TRP A 363 3.92 15.20 12.62
CA TRP A 363 4.37 16.54 12.23
C TRP A 363 5.79 16.82 12.73
N GLN A 364 6.08 16.40 13.96
CA GLN A 364 7.37 16.61 14.58
C GLN A 364 8.52 15.78 13.95
N GLN A 365 8.22 14.80 13.11
CA GLN A 365 9.28 13.89 12.61
C GLN A 365 10.12 14.54 11.52
N GLN A 366 11.32 14.02 11.30
CA GLN A 366 12.16 14.37 10.13
C GLN A 366 12.14 13.20 9.15
N PRO A 367 12.43 13.47 7.87
CA PRO A 367 12.62 12.33 6.95
C PRO A 367 13.68 11.34 7.44
N PRO A 368 13.52 10.05 7.11
CA PRO A 368 14.43 9.04 7.66
C PRO A 368 15.75 8.96 6.91
N THR A 369 16.78 8.49 7.61
CA THR A 369 18.08 8.23 7.00
C THR A 369 18.59 6.87 7.43
N GLY A 370 19.58 6.38 6.71
CA GLY A 370 20.21 5.14 7.04
C GLY A 370 19.56 3.91 6.43
N GLN A 371 19.91 2.80 7.05
CA GLN A 371 19.65 1.51 6.47
CA GLN A 371 19.60 1.44 6.58
C GLN A 371 18.13 1.15 6.41
N TYR A 372 17.32 1.68 7.32
CA TYR A 372 15.91 1.29 7.37
C TYR A 372 14.96 2.37 6.82
N ARG A 373 15.52 3.25 6.00
CA ARG A 373 14.81 4.44 5.56
C ARG A 373 13.71 4.17 4.53
N TYR A 374 13.74 3.02 3.87
CA TYR A 374 12.74 2.76 2.83
C TYR A 374 11.36 2.59 3.42
N TYR A 375 11.17 1.64 4.33
CA TYR A 375 9.85 1.32 4.76
C TYR A 375 9.31 2.49 5.60
N ASP A 376 10.15 2.99 6.48
CA ASP A 376 9.84 4.23 7.18
C ASP A 376 9.47 5.40 6.25
N GLY A 377 10.19 5.55 5.13
CA GLY A 377 10.08 6.77 4.32
C GLY A 377 8.88 6.78 3.42
N VAL A 378 8.60 5.65 2.80
CA VAL A 378 7.41 5.54 1.94
C VAL A 378 6.14 5.65 2.78
N LEU A 379 6.13 5.07 3.97
CA LEU A 379 4.97 5.25 4.86
C LEU A 379 4.83 6.70 5.36
N TYR A 380 5.97 7.32 5.71
CA TYR A 380 6.00 8.69 6.11
C TYR A 380 5.41 9.60 5.06
N LEU A 381 5.91 9.50 3.82
CA LEU A 381 5.40 10.36 2.75
C LEU A 381 3.90 10.13 2.46
N MET A 382 3.46 8.87 2.41
CA MET A 382 2.04 8.63 2.23
C MET A 382 1.21 9.21 3.39
N ALA A 383 1.66 9.01 4.62
CA ALA A 383 0.96 9.58 5.79
C ALA A 383 0.91 11.13 5.74
N LEU A 384 2.00 11.74 5.32
CA LEU A 384 2.04 13.23 5.21
C LEU A 384 0.99 13.69 4.21
N LEU A 385 0.88 12.95 3.10
CA LEU A 385 -0.09 13.29 2.03
C LEU A 385 -1.53 13.11 2.50
N HIS A 386 -1.81 11.98 3.15
CA HIS A 386 -3.11 11.77 3.78
C HIS A 386 -3.49 12.89 4.78
N CYS A 387 -2.57 13.17 5.70
CA CYS A 387 -2.84 14.10 6.79
C CYS A 387 -2.90 15.53 6.29
N ALA A 388 -2.28 15.82 5.13
CA ALA A 388 -2.33 17.16 4.54
C ALA A 388 -3.58 17.40 3.67
N GLY A 389 -4.40 16.37 3.46
CA GLY A 389 -5.53 16.45 2.53
C GLY A 389 -5.10 16.48 1.08
N GLU A 390 -3.99 15.83 0.78
CA GLU A 390 -3.40 15.84 -0.55
C GLU A 390 -3.38 14.45 -1.20
N TYR A 391 -4.00 13.46 -0.55
CA TYR A 391 -4.04 12.13 -1.12
C TYR A 391 -5.51 11.89 -1.44
N LYS A 392 -5.82 12.00 -2.74
CA LYS A 392 -7.18 12.05 -3.24
C LYS A 392 -7.51 10.93 -4.18
N ALA A 393 -8.79 10.72 -4.37
CA ALA A 393 -9.28 9.78 -5.38
C ALA A 393 -9.32 10.51 -6.70
N TRP A 394 -8.43 10.15 -7.62
CA TRP A 394 -8.41 10.73 -8.95
C TRP A 394 -9.09 9.78 -9.96
N ILE A 395 -10.41 9.94 -10.14
CA ILE A 395 -11.20 8.90 -10.79
C ILE A 395 -11.26 9.21 -12.25
N PRO A 396 -10.82 8.29 -13.11
CA PRO A 396 -10.82 8.59 -14.55
C PRO A 396 -12.21 8.45 -15.15
N ASP A 397 -12.40 8.91 -16.39
CA ASP A 397 -13.66 8.73 -17.19
C ASP A 397 -14.17 7.28 -17.25
O1 XYP B . 5.78 -5.76 3.61
C1 XYP B . 5.48 -6.91 2.76
C2 XYP B . 4.79 -6.40 1.50
C3 XYP B . 4.64 -7.47 0.40
C4 XYP B . 5.82 -8.44 0.27
C5 XYP B . 6.98 -7.87 1.05
O2 XYP B . 3.51 -5.84 1.86
O3 XYP B . 4.51 -6.75 -0.83
O4 XYP B . 5.47 -9.73 0.79
O5 XYP B . 6.65 -7.69 2.43
C1 XYP B . 6.06 -10.88 0.22
C2 XYP B . 6.31 -11.94 1.29
C3 XYP B . 6.88 -13.20 0.66
C4 XYP B . 5.92 -13.69 -0.41
C5 XYP B . 5.51 -12.59 -1.37
O2 XYP B . 7.18 -11.46 2.30
O3 XYP B . 6.99 -14.23 1.63
O4 XYP B . 6.53 -14.78 -1.14
O5 XYP B . 5.11 -11.41 -0.68
C1 XYP B . 5.64 -15.85 -1.33
C2 XYP B . 6.22 -16.79 -2.38
C3 XYP B . 5.28 -17.95 -2.55
C4 XYP B . 5.05 -18.65 -1.22
C5 XYP B . 4.67 -17.63 -0.14
O2 XYP B . 6.45 -16.11 -3.62
O3 XYP B . 5.94 -18.83 -3.46
O4 XYP B . 3.99 -19.63 -1.32
O5 XYP B . 5.55 -16.51 -0.07
#